data_4BE1
#
_entry.id   4BE1
#
_cell.length_a   161.030
_cell.length_b   161.030
_cell.length_c   123.940
_cell.angle_alpha   90.00
_cell.angle_beta   90.00
_cell.angle_gamma   90.00
#
_symmetry.space_group_name_H-M   'P 41 21 2'
#
loop_
_entity.id
_entity.type
_entity.pdbx_description
1 polymer INTEGRASE
2 polymer '19 NUCLEOTIDE PREPROCESSED PFV DONOR DNA (NON-TRANSFERRED STRAND)'
3 polymer '17 NUCLEOTIDE PREPROCESSED PFV DONOR DNA (TRANSFERRED STRAND)'
4 non-polymer 'ZINC ION'
5 non-polymer 'SULFATE ION'
6 non-polymer 'AMMONIUM ION'
7 non-polymer GLYCEROL
8 non-polymer 'MAGNESIUM ION'
9 non-polymer 2-(3-chloro-2-fluorobenzyl)-6,7-dihydroxy-2,3-dihydro-1H-isoindol-1-one
10 water water
#
loop_
_entity_poly.entity_id
_entity_poly.type
_entity_poly.pdbx_seq_one_letter_code
_entity_poly.pdbx_strand_id
1 'polypeptide(L)'
;GPGCNTKKPNLDAELDQLLQGHYIKGYPKQYTYFLEDGKVKVSRPEGVKIIPPQSDRQKIVLQAHNLAHTGREATLLKIA
NLYWWPNMRKDVVKQLGRCQQCLITNASNKASGPILRPDRPQKPFDKFFIDYIGPLPPSQGYLYVLVVVDGMTGFTWLYP
TKAPSTSATVKSLNVLTSIAIPKVIHSDQGAAFTSSTFAEWAKERGIHLEFSTPYHPQSSGKVERKNSDIKRLLTKLLVG
RPTKWYDLLPVVQLALNNTYSPVLKYTPHQLLFGIDSNTPFANQDTLDLTREEELSLLQEIRTSLYHPSTPPASSRSWSP
VVGQLVQERVARPASLRPRWHKPSTVLKVLNPRTVVILDHLGNNRTVSIDNLKPTSHQNGTTNDTATMDHLEKNE
;
A,B
2 'polydeoxyribonucleotide' (DA)(DT)(DT)(DG)(DT)(DC)(DA)(DT)(DG)(DG)(DA)(DA)(DT)(DT)(DT)(DC)(DG)(DC)(DA) C
3 'polydeoxyribonucleotide' (DT)(DG)(DC)(DG)(DA)(DA)(DA)(DT)(DT)(DC)(DC)(DA)(DT)(DG)(DA)(DC)(DA) D
#
# COMPACT_ATOMS: atom_id res chain seq x y z
N LEU A 11 -50.47 36.31 -0.16
CA LEU A 11 -51.03 37.70 -0.20
C LEU A 11 -52.27 37.89 0.71
N ASP A 12 -52.97 39.02 0.49
CA ASP A 12 -54.18 39.42 1.24
C ASP A 12 -55.41 38.55 0.96
N ALA A 13 -55.32 37.71 -0.06
CA ALA A 13 -56.34 36.72 -0.37
C ALA A 13 -56.80 36.01 0.92
N GLU A 14 -55.88 35.20 1.50
CA GLU A 14 -56.15 34.44 2.71
C GLU A 14 -56.35 35.32 3.94
N LEU A 15 -55.59 36.41 4.01
CA LEU A 15 -55.58 37.27 5.21
C LEU A 15 -56.83 38.15 5.34
N ASP A 16 -57.44 38.52 4.21
CA ASP A 16 -58.77 39.16 4.22
C ASP A 16 -59.75 38.18 4.85
N GLN A 17 -59.90 37.04 4.17
CA GLN A 17 -60.79 35.95 4.58
C GLN A 17 -60.66 35.54 6.04
N LEU A 18 -59.63 36.06 6.69
CA LEU A 18 -59.32 35.72 8.06
C LEU A 18 -59.71 36.85 9.00
N LEU A 19 -59.46 38.09 8.58
CA LEU A 19 -59.69 39.23 9.47
C LEU A 19 -61.13 39.32 9.98
N GLN A 20 -62.08 38.85 9.17
CA GLN A 20 -63.48 38.78 9.58
C GLN A 20 -63.68 37.71 10.65
N GLY A 21 -63.27 36.47 10.34
CA GLY A 21 -63.31 35.40 11.33
C GLY A 21 -63.59 34.02 10.77
N HIS A 22 -63.44 33.83 9.45
CA HIS A 22 -63.53 32.49 8.85
C HIS A 22 -62.27 31.70 9.07
N TYR A 23 -62.40 30.37 9.06
CA TYR A 23 -61.27 29.51 9.39
C TYR A 23 -60.43 29.11 8.17
N ILE A 24 -59.13 29.47 8.17
CA ILE A 24 -58.17 29.02 7.13
C ILE A 24 -57.29 27.90 7.67
N LYS A 25 -57.10 26.84 6.89
CA LYS A 25 -56.31 25.70 7.37
C LYS A 25 -54.88 26.14 7.72
N GLY A 26 -54.46 25.77 8.93
CA GLY A 26 -53.16 26.18 9.45
C GLY A 26 -53.18 27.29 10.49
N TYR A 27 -54.13 28.22 10.39
CA TYR A 27 -54.31 29.27 11.40
C TYR A 27 -55.33 28.74 12.40
N PRO A 28 -54.89 28.40 13.62
CA PRO A 28 -55.82 27.81 14.60
C PRO A 28 -56.91 28.79 15.02
N LYS A 29 -58.13 28.28 15.18
CA LYS A 29 -59.35 29.12 15.33
C LYS A 29 -59.46 29.90 16.64
N GLN A 30 -58.80 29.40 17.67
CA GLN A 30 -58.99 29.93 19.01
C GLN A 30 -58.23 31.23 19.30
N TYR A 31 -57.59 31.81 18.28
CA TYR A 31 -56.83 33.04 18.52
C TYR A 31 -57.48 34.20 17.81
N THR A 32 -57.38 35.39 18.37
CA THR A 32 -57.97 36.56 17.71
C THR A 32 -56.98 37.27 16.75
N TYR A 33 -57.36 37.28 15.47
CA TYR A 33 -56.55 37.85 14.37
C TYR A 33 -56.96 39.27 13.91
N PHE A 34 -56.47 40.31 14.59
CA PHE A 34 -56.84 41.68 14.21
C PHE A 34 -55.99 42.45 13.18
N LEU A 35 -56.29 43.75 13.04
CA LEU A 35 -55.57 44.68 12.17
C LEU A 35 -55.10 45.90 12.99
N GLU A 36 -54.00 46.52 12.56
CA GLU A 36 -53.34 47.58 13.33
C GLU A 36 -52.14 48.07 12.53
N ASP A 37 -52.01 49.38 12.41
CA ASP A 37 -50.89 50.01 11.67
C ASP A 37 -50.80 49.53 10.23
N GLY A 38 -51.90 49.00 9.71
CA GLY A 38 -51.95 48.51 8.33
C GLY A 38 -51.44 47.10 8.17
N LYS A 39 -51.39 46.35 9.27
CA LYS A 39 -50.79 45.02 9.26
C LYS A 39 -51.64 44.00 10.04
N VAL A 40 -51.78 42.80 9.49
CA VAL A 40 -52.46 41.70 10.22
C VAL A 40 -51.64 41.26 11.42
N LYS A 41 -52.26 41.18 12.59
CA LYS A 41 -51.58 40.72 13.79
C LYS A 41 -52.36 39.63 14.50
N VAL A 42 -51.80 39.10 15.58
CA VAL A 42 -52.40 37.99 16.32
C VAL A 42 -51.81 37.94 17.73
N SER A 43 -52.65 37.56 18.68
CA SER A 43 -52.25 37.55 20.07
C SER A 43 -51.89 36.12 20.47
N ARG A 44 -50.59 35.83 20.41
CA ARG A 44 -50.08 34.50 20.71
C ARG A 44 -49.54 34.49 22.14
N PRO A 45 -49.48 33.30 22.77
CA PRO A 45 -49.07 33.31 24.18
C PRO A 45 -47.81 34.16 24.44
N GLU A 46 -46.81 34.08 23.56
CA GLU A 46 -45.52 34.80 23.70
C GLU A 46 -45.64 36.32 23.50
N GLY A 47 -46.80 36.77 23.04
CA GLY A 47 -47.03 38.18 22.71
C GLY A 47 -47.70 38.35 21.35
N VAL A 48 -47.76 39.60 20.90
CA VAL A 48 -48.41 39.97 19.64
C VAL A 48 -47.39 39.92 18.50
N LYS A 49 -47.71 39.23 17.41
CA LYS A 49 -46.79 39.06 16.28
C LYS A 49 -47.48 39.42 14.98
N ILE A 50 -46.74 40.00 14.06
CA ILE A 50 -47.26 40.26 12.74
C ILE A 50 -47.37 38.97 11.90
N ILE A 51 -48.50 38.80 11.23
CA ILE A 51 -48.62 37.76 10.24
C ILE A 51 -48.41 38.34 8.86
N PRO A 52 -47.24 38.12 8.26
CA PRO A 52 -47.10 38.64 6.92
C PRO A 52 -47.88 37.81 5.90
N PRO A 53 -48.24 38.44 4.77
CA PRO A 53 -48.80 37.78 3.58
C PRO A 53 -47.81 36.77 3.03
N GLN A 54 -48.32 35.67 2.49
CA GLN A 54 -47.45 34.61 1.98
C GLN A 54 -46.39 35.10 1.00
N SER A 55 -46.73 36.13 0.24
CA SER A 55 -45.83 36.66 -0.79
C SER A 55 -44.64 37.42 -0.22
N ASP A 56 -44.63 37.62 1.09
CA ASP A 56 -43.53 38.31 1.78
C ASP A 56 -42.60 37.35 2.53
N ARG A 57 -43.10 36.15 2.78
CA ARG A 57 -42.49 35.20 3.69
C ARG A 57 -41.06 34.77 3.32
N GLN A 58 -40.83 34.47 2.05
CA GLN A 58 -39.52 34.01 1.67
C GLN A 58 -38.48 35.10 1.86
N LYS A 59 -38.83 36.35 1.53
CA LYS A 59 -37.92 37.50 1.70
C LYS A 59 -37.53 37.70 3.15
N ILE A 60 -38.51 37.47 4.04
CA ILE A 60 -38.28 37.62 5.47
C ILE A 60 -37.30 36.54 5.98
N VAL A 61 -37.60 35.28 5.69
CA VAL A 61 -36.75 34.15 6.08
C VAL A 61 -35.34 34.37 5.55
N LEU A 62 -35.24 34.94 4.37
CA LEU A 62 -33.98 35.17 3.77
C LEU A 62 -33.19 36.27 4.50
N GLN A 63 -33.86 37.35 4.92
CA GLN A 63 -33.15 38.46 5.57
C GLN A 63 -32.66 38.03 6.93
N ALA A 64 -33.48 37.25 7.62
CA ALA A 64 -33.12 36.75 8.92
C ALA A 64 -31.94 35.78 8.80
N HIS A 65 -32.04 34.83 7.86
CA HIS A 65 -30.94 33.91 7.64
C HIS A 65 -29.64 34.62 7.27
N ASN A 66 -29.71 35.66 6.47
CA ASN A 66 -28.48 36.31 6.01
C ASN A 66 -27.70 37.10 7.03
N LEU A 67 -28.34 37.48 8.14
CA LEU A 67 -27.66 38.28 9.17
C LEU A 67 -26.34 37.64 9.55
N ALA A 68 -26.35 36.35 9.88
CA ALA A 68 -25.11 35.66 10.15
C ALA A 68 -25.05 34.24 9.55
N HIS A 69 -25.88 34.00 8.53
CA HIS A 69 -25.99 32.68 7.88
C HIS A 69 -26.20 31.57 8.84
N THR A 70 -27.20 31.76 9.72
CA THR A 70 -27.54 30.82 10.80
C THR A 70 -28.38 29.62 10.34
N GLY A 71 -28.34 28.52 11.09
CA GLY A 71 -29.10 27.31 10.78
C GLY A 71 -30.54 27.38 11.28
N ARG A 72 -31.19 26.23 11.41
CA ARG A 72 -32.64 26.18 11.65
C ARG A 72 -33.13 26.99 12.86
N GLU A 73 -32.78 26.58 14.07
CA GLU A 73 -33.23 27.31 15.28
C GLU A 73 -32.75 28.78 15.41
N ALA A 74 -31.50 29.05 15.06
CA ALA A 74 -30.97 30.37 15.35
C ALA A 74 -31.59 31.37 14.37
N THR A 75 -32.07 30.85 13.24
CA THR A 75 -32.80 31.65 12.26
C THR A 75 -34.22 31.80 12.76
N LEU A 76 -34.84 30.71 13.18
CA LEU A 76 -36.23 30.82 13.62
C LEU A 76 -36.40 31.84 14.76
N LEU A 77 -35.47 31.85 15.70
CA LEU A 77 -35.59 32.73 16.86
C LEU A 77 -35.53 34.21 16.50
N LYS A 78 -34.85 34.53 15.39
CA LYS A 78 -34.83 35.89 14.87
C LYS A 78 -36.17 36.27 14.31
N ILE A 79 -36.75 35.37 13.52
CA ILE A 79 -38.01 35.64 12.85
C ILE A 79 -39.08 35.73 13.92
N ALA A 80 -39.17 34.71 14.78
CA ALA A 80 -40.17 34.67 15.85
C ALA A 80 -40.25 35.97 16.65
N ASN A 81 -39.16 36.75 16.64
CA ASN A 81 -39.16 37.99 17.38
C ASN A 81 -40.24 38.97 16.92
N LEU A 82 -40.49 39.00 15.60
CA LEU A 82 -41.51 39.85 15.01
C LEU A 82 -42.71 39.16 14.35
N TYR A 83 -42.51 37.96 13.82
CA TYR A 83 -43.58 37.31 13.08
C TYR A 83 -44.10 36.04 13.68
N TRP A 84 -45.34 35.72 13.32
CA TRP A 84 -45.81 34.36 13.41
C TRP A 84 -46.50 34.06 12.11
N TRP A 85 -46.40 32.81 11.68
CA TRP A 85 -47.24 32.25 10.64
C TRP A 85 -47.21 30.74 10.73
N PRO A 86 -48.09 30.03 9.99
CA PRO A 86 -48.10 28.57 10.21
C PRO A 86 -46.94 27.89 9.52
N ASN A 87 -46.28 26.97 10.25
CA ASN A 87 -45.17 26.14 9.75
C ASN A 87 -43.91 26.93 9.35
N MET A 88 -43.49 27.84 10.22
CA MET A 88 -42.33 28.65 9.98
C MET A 88 -41.07 27.86 9.65
N ARG A 89 -40.80 26.81 10.42
CA ARG A 89 -39.58 26.06 10.20
C ARG A 89 -39.54 25.42 8.81
N LYS A 90 -40.71 25.10 8.23
CA LYS A 90 -40.71 24.50 6.89
C LYS A 90 -40.12 25.49 5.91
N ASP A 91 -40.49 26.76 6.04
CA ASP A 91 -39.96 27.79 5.15
C ASP A 91 -38.47 28.07 5.45
N VAL A 92 -38.12 28.06 6.73
CA VAL A 92 -36.75 28.27 7.13
C VAL A 92 -35.86 27.18 6.51
N VAL A 93 -36.25 25.91 6.71
CA VAL A 93 -35.49 24.81 6.15
C VAL A 93 -35.42 24.85 4.62
N LYS A 94 -36.48 25.30 3.97
CA LYS A 94 -36.46 25.50 2.52
C LYS A 94 -35.30 26.43 2.11
N GLN A 95 -35.15 27.54 2.82
CA GLN A 95 -34.05 28.46 2.56
C GLN A 95 -32.66 27.86 2.83
N LEU A 96 -32.53 27.12 3.94
CA LEU A 96 -31.24 26.55 4.29
C LEU A 96 -30.75 25.60 3.21
N GLY A 97 -31.67 24.78 2.69
CA GLY A 97 -31.41 23.89 1.56
C GLY A 97 -31.01 24.59 0.25
N ARG A 98 -31.32 25.88 0.11
CA ARG A 98 -30.92 26.63 -1.07
C ARG A 98 -29.77 27.63 -0.83
N CYS A 99 -29.27 27.77 0.40
CA CYS A 99 -28.16 28.71 0.57
C CYS A 99 -26.83 28.07 0.11
N GLN A 100 -26.41 28.41 -1.11
CA GLN A 100 -25.18 27.85 -1.65
C GLN A 100 -24.09 27.95 -0.61
N GLN A 101 -23.95 29.15 -0.05
CA GLN A 101 -22.89 29.49 0.89
C GLN A 101 -22.89 28.63 2.16
N CYS A 102 -24.04 28.47 2.80
CA CYS A 102 -24.10 27.55 3.95
C CYS A 102 -23.74 26.12 3.59
N LEU A 103 -24.23 25.63 2.45
CA LEU A 103 -24.06 24.23 2.09
C LEU A 103 -22.60 23.82 1.84
N ILE A 104 -21.80 24.76 1.37
CA ILE A 104 -20.46 24.40 1.02
C ILE A 104 -19.46 24.79 2.10
N THR A 105 -19.87 25.67 3.02
CA THR A 105 -19.01 26.07 4.14
C THR A 105 -19.25 25.32 5.44
N ASN A 106 -20.49 24.99 5.78
CA ASN A 106 -20.80 24.30 7.03
C ASN A 106 -20.20 22.91 7.14
N ALA A 107 -20.08 22.45 8.38
CA ALA A 107 -19.48 21.18 8.73
C ALA A 107 -20.59 20.18 8.64
N SER A 108 -20.26 18.90 8.61
CA SER A 108 -21.25 17.85 8.70
C SER A 108 -21.53 17.57 10.15
N ASN A 109 -22.65 16.94 10.45
CA ASN A 109 -22.77 16.44 11.79
C ASN A 109 -23.23 14.99 11.75
N LYS A 110 -22.96 14.31 10.63
CA LYS A 110 -23.20 12.87 10.54
C LYS A 110 -21.88 12.13 10.31
N ALA A 111 -21.62 11.08 11.07
CA ALA A 111 -20.35 10.37 10.96
C ALA A 111 -20.41 9.36 9.83
N SER A 112 -19.27 8.95 9.29
CA SER A 112 -19.24 7.84 8.32
C SER A 112 -19.74 6.50 8.87
N GLY A 113 -20.20 5.63 7.97
CA GLY A 113 -20.55 4.28 8.41
C GLY A 113 -19.28 3.57 8.84
N PRO A 114 -19.43 2.46 9.59
CA PRO A 114 -18.29 1.67 10.14
C PRO A 114 -17.33 1.16 9.07
N ILE A 115 -16.03 1.17 9.35
CA ILE A 115 -15.00 0.78 8.38
C ILE A 115 -15.11 -0.69 7.97
N LEU A 116 -14.73 -1.00 6.74
CA LEU A 116 -14.60 -2.38 6.25
C LEU A 116 -13.26 -2.94 6.67
N ARG A 117 -13.21 -4.23 6.97
CA ARG A 117 -11.93 -4.88 7.16
C ARG A 117 -11.70 -5.88 6.01
N PRO A 118 -11.20 -5.41 4.85
CA PRO A 118 -11.04 -6.32 3.71
C PRO A 118 -10.35 -7.66 4.09
N ASP A 119 -10.72 -8.78 3.48
CA ASP A 119 -10.00 -10.05 3.73
C ASP A 119 -8.49 -9.92 3.51
N ARG A 120 -7.70 -10.70 4.24
CA ARG A 120 -6.26 -10.75 4.02
C ARG A 120 -6.02 -11.41 2.66
N PRO A 121 -5.10 -10.88 1.86
CA PRO A 121 -4.65 -11.64 0.68
C PRO A 121 -4.43 -13.11 1.01
N GLN A 122 -4.80 -14.02 0.12
CA GLN A 122 -4.63 -15.43 0.42
C GLN A 122 -3.18 -15.88 0.37
N LYS A 123 -2.39 -15.33 -0.55
CA LYS A 123 -1.03 -15.80 -0.68
C LYS A 123 0.02 -14.68 -0.67
N PRO A 124 1.22 -14.99 -0.18
CA PRO A 124 2.34 -14.11 -0.40
C PRO A 124 2.42 -13.80 -1.87
N PHE A 125 2.59 -12.53 -2.19
CA PHE A 125 2.71 -12.03 -3.56
C PHE A 125 1.39 -11.77 -4.32
N ASP A 126 0.24 -12.06 -3.69
CA ASP A 126 -1.06 -11.69 -4.28
C ASP A 126 -1.22 -10.19 -4.37
N LYS A 127 -0.77 -9.49 -3.31
CA LYS A 127 -0.95 -8.04 -3.20
C LYS A 127 0.16 -7.35 -2.42
N PHE A 128 0.83 -6.40 -3.07
CA PHE A 128 1.83 -5.52 -2.42
C PHE A 128 1.21 -4.17 -2.12
N PHE A 129 1.51 -3.60 -0.95
CA PHE A 129 1.08 -2.22 -0.65
C PHE A 129 2.37 -1.44 -0.59
N ILE A 130 2.43 -0.34 -1.34
CA ILE A 130 3.65 0.45 -1.42
C ILE A 130 3.44 1.93 -1.08
N ASP A 131 4.49 2.61 -0.63
CA ASP A 131 4.35 4.00 -0.20
C ASP A 131 5.69 4.62 0.09
N TYR A 132 5.73 5.95 0.15
CA TYR A 132 6.94 6.66 0.55
C TYR A 132 6.80 7.23 1.92
N ILE A 133 7.90 7.18 2.68
CA ILE A 133 8.07 7.91 3.94
C ILE A 133 9.07 9.03 3.60
N GLY A 134 8.81 10.25 4.06
CA GLY A 134 9.81 11.33 3.93
C GLY A 134 9.18 12.64 3.58
N PRO A 135 10.00 13.71 3.47
CA PRO A 135 11.46 13.77 3.61
C PRO A 135 11.97 13.52 5.01
N LEU A 136 13.01 12.71 5.12
CA LEU A 136 13.74 12.51 6.36
C LEU A 136 14.95 13.49 6.41
N PRO A 137 15.63 13.60 7.58
CA PRO A 137 16.89 14.33 7.52
C PRO A 137 17.81 13.67 6.50
N PRO A 138 18.56 14.47 5.70
CA PRO A 138 19.44 13.85 4.69
C PRO A 138 20.45 12.89 5.31
N SER A 139 20.50 11.67 4.81
CA SER A 139 21.50 10.69 5.19
C SER A 139 22.09 10.17 3.90
N GLN A 140 23.41 10.37 3.74
CA GLN A 140 24.12 10.13 2.47
C GLN A 140 23.39 10.63 1.22
N GLY A 141 22.78 11.80 1.29
CA GLY A 141 22.14 12.35 0.10
C GLY A 141 20.80 11.69 -0.19
N TYR A 142 20.36 10.83 0.73
CA TYR A 142 19.05 10.19 0.64
C TYR A 142 18.04 10.90 1.54
N LEU A 143 16.81 10.99 1.07
CA LEU A 143 15.77 11.73 1.77
C LEU A 143 14.50 10.93 1.99
N TYR A 144 14.26 9.89 1.17
CA TYR A 144 13.04 9.11 1.34
C TYR A 144 13.29 7.60 1.51
N VAL A 145 12.25 6.86 1.89
CA VAL A 145 12.30 5.43 1.91
C VAL A 145 11.11 4.94 1.16
N LEU A 146 11.36 4.06 0.19
CA LEU A 146 10.27 3.30 -0.44
C LEU A 146 9.96 2.13 0.46
N VAL A 147 8.69 2.01 0.85
CA VAL A 147 8.24 0.89 1.66
C VAL A 147 7.33 -0.01 0.87
N VAL A 148 7.63 -1.30 0.87
CA VAL A 148 6.86 -2.28 0.12
C VAL A 148 6.46 -3.38 1.09
N VAL A 149 5.16 -3.62 1.23
CA VAL A 149 4.67 -4.53 2.24
C VAL A 149 3.78 -5.60 1.61
N ASP A 150 4.16 -6.86 1.77
CA ASP A 150 3.33 -7.96 1.28
C ASP A 150 2.08 -8.09 2.13
N GLY A 151 0.92 -8.02 1.49
CA GLY A 151 -0.36 -8.01 2.20
C GLY A 151 -0.58 -9.21 3.10
N MET A 152 -0.20 -10.39 2.64
CA MET A 152 -0.55 -11.59 3.34
C MET A 152 0.33 -11.81 4.56
N THR A 153 1.62 -11.63 4.37
CA THR A 153 2.61 -11.97 5.37
C THR A 153 2.99 -10.79 6.26
N GLY A 154 2.85 -9.57 5.75
CA GLY A 154 3.42 -8.42 6.42
C GLY A 154 4.91 -8.22 6.09
N PHE A 155 5.54 -9.20 5.45
CA PHE A 155 6.95 -9.05 5.07
C PHE A 155 7.23 -7.77 4.28
N THR A 156 8.26 -7.03 4.71
CA THR A 156 8.48 -5.67 4.25
C THR A 156 9.86 -5.49 3.65
N TRP A 157 9.93 -4.81 2.51
CA TRP A 157 11.24 -4.42 1.94
C TRP A 157 11.36 -2.94 1.99
N LEU A 158 12.56 -2.47 2.32
CA LEU A 158 12.88 -1.03 2.40
C LEU A 158 13.94 -0.61 1.36
N TYR A 159 13.72 0.52 0.67
CA TYR A 159 14.74 1.07 -0.23
C TYR A 159 14.91 2.57 -0.01
N PRO A 160 16.16 3.03 0.24
CA PRO A 160 16.43 4.47 0.36
C PRO A 160 16.44 5.15 -1.01
N THR A 161 15.77 6.28 -1.16
CA THR A 161 15.82 7.02 -2.42
C THR A 161 16.12 8.51 -2.22
N LYS A 162 16.40 9.21 -3.32
CA LYS A 162 16.66 10.66 -3.30
C LYS A 162 15.40 11.47 -3.49
N ALA A 163 14.35 10.84 -4.05
CA ALA A 163 13.02 11.47 -4.23
C ALA A 163 11.90 10.41 -4.29
N PRO A 164 10.63 10.78 -4.05
CA PRO A 164 9.50 9.85 -4.24
C PRO A 164 9.10 9.81 -5.72
N SER A 165 10.05 9.47 -6.59
CA SER A 165 9.91 9.51 -8.05
C SER A 165 9.57 8.16 -8.69
N THR A 166 9.01 8.19 -9.90
CA THR A 166 8.71 6.96 -10.63
C THR A 166 10.00 6.21 -10.93
N SER A 167 11.05 6.97 -11.24
CA SER A 167 12.26 6.36 -11.68
C SER A 167 12.88 5.54 -10.54
N ALA A 168 12.77 6.04 -9.31
CA ALA A 168 13.41 5.35 -8.18
C ALA A 168 12.52 4.20 -7.71
N THR A 169 11.22 4.37 -7.90
CA THR A 169 10.30 3.27 -7.64
C THR A 169 10.63 2.09 -8.57
N VAL A 170 10.78 2.41 -9.86
CA VAL A 170 11.08 1.39 -10.85
C VAL A 170 12.43 0.71 -10.54
N LYS A 171 13.46 1.50 -10.26
CA LYS A 171 14.74 0.94 -9.85
C LYS A 171 14.57 -0.12 -8.75
N SER A 172 13.88 0.23 -7.67
CA SER A 172 13.84 -0.59 -6.46
C SER A 172 13.00 -1.83 -6.72
N LEU A 173 11.87 -1.65 -7.38
CA LEU A 173 11.03 -2.79 -7.70
C LEU A 173 11.66 -3.78 -8.71
N ASN A 174 12.48 -3.29 -9.64
CA ASN A 174 13.27 -4.22 -10.46
C ASN A 174 14.11 -5.12 -9.60
N VAL A 175 14.72 -4.59 -8.55
CA VAL A 175 15.53 -5.44 -7.66
C VAL A 175 14.60 -6.35 -6.87
N LEU A 176 13.44 -5.86 -6.45
CA LEU A 176 12.61 -6.66 -5.56
C LEU A 176 12.01 -7.82 -6.30
N THR A 177 11.48 -7.52 -7.48
CA THR A 177 10.78 -8.50 -8.31
C THR A 177 11.66 -9.56 -8.97
N SER A 178 12.98 -9.42 -8.83
CA SER A 178 13.90 -10.52 -9.02
C SER A 178 13.57 -11.68 -8.13
N ILE A 179 12.82 -11.44 -7.03
CA ILE A 179 12.51 -12.54 -6.11
C ILE A 179 11.20 -13.21 -6.53
N ALA A 180 10.17 -12.41 -6.76
CA ALA A 180 8.91 -12.90 -7.27
C ALA A 180 8.18 -11.72 -7.85
N ILE A 181 7.15 -12.00 -8.65
CA ILE A 181 6.31 -10.96 -9.22
C ILE A 181 4.97 -11.03 -8.52
N PRO A 182 4.41 -9.88 -8.12
CA PRO A 182 3.15 -9.88 -7.36
C PRO A 182 1.96 -9.79 -8.30
N LYS A 183 0.79 -10.34 -7.95
CA LYS A 183 -0.38 -10.16 -8.85
C LYS A 183 -0.78 -8.71 -8.91
N VAL A 184 -0.88 -8.10 -7.72
CA VAL A 184 -1.37 -6.72 -7.61
C VAL A 184 -0.41 -5.87 -6.77
N ILE A 185 -0.28 -4.60 -7.14
CA ILE A 185 0.40 -3.61 -6.33
C ILE A 185 -0.58 -2.47 -6.06
N HIS A 186 -0.97 -2.30 -4.79
CA HIS A 186 -1.86 -1.22 -4.35
C HIS A 186 -1.04 -0.09 -3.84
N SER A 187 -1.42 1.12 -4.25
CA SER A 187 -0.73 2.31 -3.79
C SER A 187 -1.74 3.42 -3.65
N ASP A 188 -1.32 4.53 -3.04
CA ASP A 188 -2.14 5.73 -3.08
C ASP A 188 -1.85 6.50 -4.40
N GLN A 189 -2.43 7.68 -4.52
CA GLN A 189 -2.33 8.45 -5.76
C GLN A 189 -1.15 9.42 -5.78
N GLY A 190 -0.07 9.09 -5.10
CA GLY A 190 1.17 9.88 -5.22
C GLY A 190 1.62 10.02 -6.68
N ALA A 191 2.22 11.17 -6.99
CA ALA A 191 2.75 11.41 -8.34
C ALA A 191 3.56 10.21 -8.91
N ALA A 192 4.38 9.58 -8.08
CA ALA A 192 5.24 8.48 -8.51
C ALA A 192 4.50 7.23 -8.99
N PHE A 193 3.27 7.03 -8.53
CA PHE A 193 2.59 5.77 -8.83
C PHE A 193 1.57 5.87 -9.95
N THR A 194 1.19 7.11 -10.27
CA THR A 194 0.06 7.37 -11.19
C THR A 194 0.59 7.71 -12.58
N SER A 195 1.88 8.03 -12.68
CA SER A 195 2.56 8.27 -13.95
C SER A 195 2.36 7.13 -14.96
N SER A 196 2.36 7.49 -16.24
CA SER A 196 2.16 6.52 -17.30
C SER A 196 3.38 5.60 -17.41
N THR A 197 4.57 6.15 -17.17
CA THR A 197 5.76 5.32 -17.10
C THR A 197 5.57 4.16 -16.13
N PHE A 198 5.04 4.44 -14.93
CA PHE A 198 4.89 3.38 -13.97
C PHE A 198 3.84 2.38 -14.47
N ALA A 199 2.78 2.90 -15.08
CA ALA A 199 1.73 2.09 -15.66
C ALA A 199 2.32 1.06 -16.64
N GLU A 200 3.24 1.52 -17.49
CA GLU A 200 3.83 0.73 -18.56
C GLU A 200 4.70 -0.29 -17.92
N TRP A 201 5.40 0.15 -16.88
CA TRP A 201 6.37 -0.70 -16.20
C TRP A 201 5.63 -1.89 -15.66
N ALA A 202 4.39 -1.68 -15.21
CA ALA A 202 3.60 -2.75 -14.61
C ALA A 202 2.92 -3.67 -15.62
N LYS A 203 2.48 -3.09 -16.74
CA LYS A 203 1.84 -3.88 -17.81
C LYS A 203 2.89 -4.82 -18.41
N GLU A 204 4.04 -4.29 -18.78
CA GLU A 204 5.19 -5.11 -19.13
C GLU A 204 5.35 -6.38 -18.29
N ARG A 205 4.79 -6.45 -17.07
CA ARG A 205 5.00 -7.65 -16.20
C ARG A 205 3.71 -8.32 -15.76
N GLY A 206 2.60 -7.87 -16.29
CA GLY A 206 1.33 -8.49 -15.99
C GLY A 206 0.99 -8.25 -14.56
N ILE A 207 1.48 -7.14 -14.00
CA ILE A 207 1.09 -6.68 -12.66
C ILE A 207 -0.09 -5.70 -12.75
N HIS A 208 -1.17 -5.96 -12.02
CA HIS A 208 -2.29 -5.00 -11.92
C HIS A 208 -2.05 -3.87 -10.89
N LEU A 209 -2.09 -2.61 -11.34
CA LEU A 209 -2.05 -1.44 -10.41
C LEU A 209 -3.43 -1.10 -9.81
N GLU A 210 -3.48 -1.06 -8.48
CA GLU A 210 -4.70 -0.78 -7.73
C GLU A 210 -4.47 0.50 -6.93
N PHE A 211 -5.40 1.45 -7.04
CA PHE A 211 -5.26 2.75 -6.35
C PHE A 211 -6.27 3.04 -5.24
N SER A 212 -5.80 3.71 -4.20
CA SER A 212 -6.70 4.17 -3.15
C SER A 212 -7.56 5.28 -3.70
N THR A 213 -8.75 5.43 -3.12
CA THR A 213 -9.55 6.63 -3.33
C THR A 213 -8.69 7.82 -2.95
N PRO A 214 -8.96 9.00 -3.50
CA PRO A 214 -7.96 10.05 -3.24
C PRO A 214 -8.07 10.61 -1.81
N TYR A 215 -6.97 11.13 -1.28
CA TYR A 215 -6.87 11.65 0.11
C TYR A 215 -7.52 10.73 1.16
N HIS A 216 -7.05 9.47 1.19
CA HIS A 216 -7.61 8.50 2.12
C HIS A 216 -6.62 7.43 2.52
N PRO A 217 -5.59 7.82 3.30
CA PRO A 217 -4.46 6.91 3.55
C PRO A 217 -4.85 5.63 4.29
N GLN A 218 -5.97 5.64 5.01
CA GLN A 218 -6.47 4.42 5.63
C GLN A 218 -6.53 3.28 4.62
N SER A 219 -6.75 3.63 3.37
CA SER A 219 -6.86 2.66 2.28
C SER A 219 -5.54 1.93 2.00
N SER A 220 -4.42 2.62 2.21
CA SER A 220 -3.12 1.98 2.28
C SER A 220 -2.72 1.58 3.74
N GLY A 221 -3.70 1.47 4.64
CA GLY A 221 -3.45 1.12 6.04
C GLY A 221 -2.36 0.06 6.34
N LYS A 222 -2.33 -1.01 5.54
CA LYS A 222 -1.33 -2.06 5.67
C LYS A 222 0.09 -1.49 5.70
N VAL A 223 0.41 -0.66 4.71
CA VAL A 223 1.74 -0.09 4.64
C VAL A 223 1.87 1.15 5.54
N GLU A 224 0.82 1.96 5.67
CA GLU A 224 0.91 3.14 6.53
C GLU A 224 1.26 2.67 7.91
N ARG A 225 0.60 1.60 8.35
CA ARG A 225 0.82 1.10 9.68
C ARG A 225 2.21 0.58 9.85
N LYS A 226 2.78 0.04 8.79
CA LYS A 226 4.14 -0.49 8.86
C LYS A 226 5.13 0.68 8.93
N ASN A 227 4.77 1.81 8.31
CA ASN A 227 5.56 3.02 8.41
C ASN A 227 5.75 3.41 9.89
N SER A 228 4.67 3.43 10.65
CA SER A 228 4.78 3.76 12.04
C SER A 228 5.88 2.91 12.70
N ASP A 229 5.85 1.60 12.51
CA ASP A 229 6.82 0.74 13.17
C ASP A 229 8.25 1.06 12.70
N ILE A 230 8.39 1.47 11.44
CA ILE A 230 9.70 1.71 10.88
C ILE A 230 10.25 2.99 11.52
N LYS A 231 9.42 4.04 11.58
CA LYS A 231 9.85 5.31 12.16
C LYS A 231 10.16 5.16 13.64
N ARG A 232 9.35 4.33 14.31
CA ARG A 232 9.45 4.14 15.74
C ARG A 232 10.77 3.45 16.07
N LEU A 233 11.12 2.41 15.33
CA LEU A 233 12.36 1.69 15.62
C LEU A 233 13.58 2.56 15.25
N LEU A 234 13.49 3.22 14.11
CA LEU A 234 14.55 4.12 13.70
C LEU A 234 14.80 5.19 14.76
N THR A 235 13.72 5.74 15.30
CA THR A 235 13.88 6.76 16.33
C THR A 235 14.65 6.23 17.54
N LYS A 236 14.26 5.06 18.04
CA LYS A 236 14.90 4.44 19.20
C LYS A 236 16.37 4.14 18.94
N LEU A 237 16.70 3.66 17.75
CA LEU A 237 18.09 3.34 17.47
C LEU A 237 18.91 4.60 17.31
N LEU A 238 18.24 5.73 17.08
CA LEU A 238 18.95 6.97 16.86
C LEU A 238 19.03 7.88 18.11
N VAL A 239 18.40 7.46 19.22
CA VAL A 239 18.44 8.24 20.48
C VAL A 239 19.87 8.67 20.81
N GLY A 240 20.02 9.95 21.17
CA GLY A 240 21.31 10.62 21.34
C GLY A 240 22.40 10.24 20.36
N ARG A 241 22.07 10.14 19.08
CA ARG A 241 23.07 10.06 17.99
C ARG A 241 22.58 11.00 16.93
N PRO A 242 23.49 11.45 16.06
CA PRO A 242 22.95 12.11 14.87
C PRO A 242 22.08 11.14 14.03
N THR A 243 21.02 11.69 13.46
CA THR A 243 20.09 10.94 12.64
C THR A 243 20.63 10.41 11.30
N LYS A 244 21.65 9.56 11.39
CA LYS A 244 22.20 8.84 10.25
C LYS A 244 21.43 7.51 10.03
N TRP A 245 20.28 7.59 9.34
CA TRP A 245 19.37 6.44 9.15
C TRP A 245 19.67 5.51 7.98
N TYR A 246 20.30 6.03 6.93
CA TYR A 246 20.69 5.20 5.80
C TYR A 246 21.27 3.82 6.16
N ASP A 247 22.24 3.76 7.05
CA ASP A 247 22.84 2.47 7.40
C ASP A 247 21.98 1.61 8.30
N LEU A 248 20.86 2.14 8.78
CA LEU A 248 20.03 1.32 9.64
C LEU A 248 18.87 0.66 8.91
N LEU A 249 18.58 1.08 7.66
CA LEU A 249 17.47 0.47 6.91
C LEU A 249 17.54 -1.04 6.94
N PRO A 250 18.68 -1.61 6.51
CA PRO A 250 18.87 -3.05 6.50
C PRO A 250 18.54 -3.67 7.86
N VAL A 251 18.99 -3.03 8.92
CA VAL A 251 18.79 -3.56 10.26
C VAL A 251 17.32 -3.50 10.61
N VAL A 252 16.66 -2.37 10.32
CA VAL A 252 15.27 -2.20 10.71
C VAL A 252 14.43 -3.23 9.92
N GLN A 253 14.71 -3.34 8.63
CA GLN A 253 14.10 -4.39 7.79
C GLN A 253 14.14 -5.77 8.46
N LEU A 254 15.34 -6.25 8.76
CA LEU A 254 15.47 -7.61 9.28
C LEU A 254 14.80 -7.70 10.65
N ALA A 255 14.97 -6.65 11.47
CA ALA A 255 14.38 -6.64 12.82
C ALA A 255 12.89 -6.77 12.75
N LEU A 256 12.27 -6.02 11.83
CA LEU A 256 10.79 -6.00 11.78
C LEU A 256 10.21 -7.26 11.13
N ASN A 257 10.91 -7.79 10.14
CA ASN A 257 10.42 -8.95 9.43
C ASN A 257 10.46 -10.16 10.36
N ASN A 258 11.24 -10.06 11.44
CA ASN A 258 11.39 -11.17 12.35
C ASN A 258 10.79 -10.92 13.76
N THR A 259 9.89 -9.94 13.85
CA THR A 259 9.20 -9.59 15.09
C THR A 259 7.81 -10.24 15.16
N TYR A 260 7.45 -10.75 16.34
CA TYR A 260 6.18 -11.42 16.50
C TYR A 260 5.02 -10.44 16.48
N SER A 261 3.90 -10.86 15.90
CA SER A 261 2.67 -10.14 16.12
C SER A 261 1.90 -10.87 17.20
N PRO A 262 1.78 -10.25 18.39
CA PRO A 262 1.09 -10.91 19.52
C PRO A 262 -0.28 -11.53 19.16
N VAL A 263 -1.06 -10.91 18.28
CA VAL A 263 -2.38 -11.48 17.97
C VAL A 263 -2.25 -12.68 17.05
N LEU A 264 -1.28 -12.64 16.14
CA LEU A 264 -1.11 -13.74 15.18
C LEU A 264 -0.28 -14.87 15.76
N LYS A 265 0.72 -14.53 16.58
CA LYS A 265 1.74 -15.45 17.09
C LYS A 265 2.72 -15.92 16.01
N TYR A 266 2.96 -15.09 15.00
CA TYR A 266 3.90 -15.40 13.96
C TYR A 266 4.60 -14.12 13.51
N THR A 267 5.80 -14.27 12.98
CA THR A 267 6.51 -13.11 12.48
C THR A 267 6.25 -13.09 10.98
N PRO A 268 6.46 -11.95 10.35
CA PRO A 268 6.22 -11.97 8.91
C PRO A 268 7.14 -12.96 8.18
N HIS A 269 8.37 -13.14 8.65
CA HIS A 269 9.31 -14.05 8.05
C HIS A 269 8.79 -15.47 8.07
N GLN A 270 8.15 -15.86 9.16
CA GLN A 270 7.57 -17.19 9.27
C GLN A 270 6.35 -17.35 8.34
N LEU A 271 5.56 -16.32 8.22
CA LEU A 271 4.40 -16.46 7.35
C LEU A 271 4.89 -16.54 5.91
N LEU A 272 6.09 -16.03 5.66
CA LEU A 272 6.59 -16.05 4.29
C LEU A 272 7.31 -17.37 3.91
N PHE A 273 8.13 -17.87 4.83
CA PHE A 273 9.03 -19.00 4.55
C PHE A 273 8.69 -20.25 5.35
N GLY A 274 7.77 -20.11 6.30
CA GLY A 274 7.42 -21.22 7.18
C GLY A 274 8.54 -21.75 8.07
N ILE A 275 9.71 -21.12 8.05
CA ILE A 275 10.80 -21.50 8.97
C ILE A 275 11.75 -20.32 9.26
N ASP A 276 12.18 -20.13 10.50
CA ASP A 276 13.13 -19.02 10.81
C ASP A 276 14.47 -19.24 10.10
N SER A 277 15.19 -18.18 9.72
CA SER A 277 16.58 -18.36 9.30
C SER A 277 17.53 -18.23 10.49
N ASN A 278 18.82 -18.08 10.23
CA ASN A 278 19.81 -18.02 11.30
C ASN A 278 19.83 -16.64 12.00
N THR A 279 18.71 -16.28 12.62
CA THR A 279 18.63 -15.04 13.36
C THR A 279 18.53 -15.38 14.83
N PRO A 280 18.69 -14.39 15.71
CA PRO A 280 18.64 -14.73 17.13
C PRO A 280 17.28 -15.28 17.56
N PHE A 281 17.29 -16.22 18.49
CA PHE A 281 16.05 -16.80 18.99
C PHE A 281 15.21 -17.47 17.92
N ALA A 282 15.87 -18.11 16.96
CA ALA A 282 15.17 -18.81 15.88
C ALA A 282 14.31 -19.93 16.44
N ASN A 283 13.05 -19.98 16.02
CA ASN A 283 12.15 -21.01 16.50
C ASN A 283 12.52 -22.35 15.87
N GLN A 284 12.50 -23.43 16.65
CA GLN A 284 12.97 -24.75 16.19
C GLN A 284 11.94 -25.87 16.22
N ASP A 285 10.69 -25.53 16.53
CA ASP A 285 9.62 -26.49 16.57
C ASP A 285 9.49 -27.47 15.38
N THR A 286 9.90 -27.10 14.17
CA THR A 286 9.70 -28.01 13.04
C THR A 286 11.00 -28.70 12.60
N LEU A 287 11.91 -28.86 13.57
CA LEU A 287 13.23 -29.42 13.32
C LEU A 287 13.13 -30.84 12.76
N ASP A 288 12.16 -31.60 13.25
CA ASP A 288 11.97 -32.98 12.83
C ASP A 288 11.04 -33.16 11.65
N LEU A 289 10.41 -32.09 11.17
CA LEU A 289 9.53 -32.25 10.01
C LEU A 289 10.37 -32.22 8.76
N THR A 290 9.93 -32.91 7.72
CA THR A 290 10.51 -32.64 6.42
C THR A 290 10.05 -31.25 5.96
N ARG A 291 10.72 -30.73 4.93
CA ARG A 291 10.30 -29.46 4.38
C ARG A 291 8.86 -29.56 3.96
N GLU A 292 8.51 -30.70 3.36
CA GLU A 292 7.19 -30.86 2.76
C GLU A 292 6.16 -30.87 3.87
N GLU A 293 6.44 -31.58 4.96
CA GLU A 293 5.56 -31.52 6.14
C GLU A 293 5.42 -30.11 6.68
N GLU A 294 6.56 -29.42 6.78
CA GLU A 294 6.61 -28.02 7.17
C GLU A 294 5.71 -27.15 6.30
N LEU A 295 5.86 -27.23 4.97
CA LEU A 295 5.03 -26.45 4.05
C LEU A 295 3.55 -26.80 4.19
N SER A 296 3.28 -27.99 4.66
CA SER A 296 1.92 -28.42 4.83
C SER A 296 1.35 -27.63 6.00
N LEU A 297 2.06 -27.67 7.13
CA LEU A 297 1.78 -26.86 8.31
C LEU A 297 1.67 -25.33 8.02
N LEU A 298 2.51 -24.81 7.13
CA LEU A 298 2.44 -23.40 6.80
C LEU A 298 1.13 -23.07 6.11
N GLN A 299 0.70 -23.96 5.21
CA GLN A 299 -0.54 -23.71 4.44
C GLN A 299 -1.69 -23.67 5.39
N GLU A 300 -1.63 -24.51 6.40
CA GLU A 300 -2.63 -24.54 7.43
C GLU A 300 -2.65 -23.24 8.24
N ILE A 301 -1.48 -22.86 8.77
CA ILE A 301 -1.31 -21.66 9.56
C ILE A 301 -1.79 -20.43 8.81
N ARG A 302 -1.50 -20.37 7.51
CA ARG A 302 -1.84 -19.21 6.69
C ARG A 302 -3.35 -18.96 6.62
N THR A 303 -4.12 -20.04 6.53
CA THR A 303 -5.54 -19.91 6.24
C THR A 303 -6.33 -19.65 7.48
N SER A 304 -5.79 -20.01 8.62
CA SER A 304 -6.49 -19.78 9.88
C SER A 304 -6.04 -18.58 10.71
N LEU A 305 -5.47 -17.53 10.11
CA LEU A 305 -5.04 -16.39 10.92
C LEU A 305 -6.22 -15.55 11.37
N TYR A 306 -6.19 -15.02 12.59
CA TYR A 306 -7.24 -14.09 13.08
C TYR A 306 -7.59 -12.99 12.08
N HIS A 307 -8.87 -12.82 11.82
CA HIS A 307 -9.27 -11.71 11.00
C HIS A 307 -10.36 -10.89 11.64
N PRO A 308 -10.12 -9.58 11.78
CA PRO A 308 -11.04 -8.71 12.55
C PRO A 308 -12.36 -8.49 11.81
N SER A 309 -13.37 -7.93 12.47
CA SER A 309 -14.64 -7.62 11.76
C SER A 309 -15.11 -6.17 11.94
N THR A 310 -15.86 -5.64 10.96
CA THR A 310 -16.37 -4.28 11.05
C THR A 310 -16.92 -3.97 12.45
N PRO A 311 -16.51 -2.84 13.03
CA PRO A 311 -16.98 -2.45 14.36
C PRO A 311 -18.43 -1.97 14.30
N PRO A 312 -19.08 -1.82 15.45
CA PRO A 312 -20.46 -1.30 15.43
C PRO A 312 -20.52 0.10 14.81
N ALA A 313 -21.60 0.42 14.10
CA ALA A 313 -21.81 1.79 13.56
C ALA A 313 -21.96 2.79 14.70
N SER A 314 -21.56 4.05 14.50
CA SER A 314 -21.76 5.04 15.55
C SER A 314 -23.23 5.45 15.50
N SER A 315 -23.78 6.01 16.59
CA SER A 315 -25.25 6.20 16.62
C SER A 315 -25.77 7.23 15.61
N ARG A 316 -24.89 7.95 14.91
CA ARG A 316 -25.36 8.88 13.91
C ARG A 316 -24.56 8.89 12.63
N SER A 317 -24.45 7.72 12.00
CA SER A 317 -23.71 7.60 10.72
C SER A 317 -24.65 7.69 9.54
N TRP A 318 -24.11 7.81 8.34
CA TRP A 318 -24.92 7.78 7.15
C TRP A 318 -24.28 6.85 6.21
N SER A 319 -25.09 6.15 5.44
CA SER A 319 -24.55 5.32 4.37
C SER A 319 -25.20 5.75 3.08
N PRO A 320 -24.38 5.87 2.02
CA PRO A 320 -24.80 6.44 0.73
C PRO A 320 -25.84 5.57 -0.03
N VAL A 321 -26.85 6.24 -0.56
CA VAL A 321 -27.90 5.64 -1.37
C VAL A 321 -27.71 6.16 -2.81
N VAL A 322 -27.92 5.29 -3.80
CA VAL A 322 -27.83 5.71 -5.21
C VAL A 322 -28.75 6.90 -5.49
N GLY A 323 -28.24 7.92 -6.17
CA GLY A 323 -29.03 9.12 -6.49
C GLY A 323 -29.07 10.24 -5.44
N GLN A 324 -28.43 10.00 -4.29
CA GLN A 324 -28.33 10.97 -3.19
C GLN A 324 -27.40 12.17 -3.51
N LEU A 325 -27.81 13.36 -3.06
CA LEU A 325 -26.93 14.54 -3.08
C LEU A 325 -25.89 14.50 -1.96
N VAL A 326 -24.62 14.52 -2.33
CA VAL A 326 -23.53 14.42 -1.38
C VAL A 326 -22.46 15.43 -1.78
N GLN A 327 -21.55 15.79 -0.88
CA GLN A 327 -20.50 16.74 -1.26
C GLN A 327 -19.11 16.27 -0.90
N GLU A 328 -18.19 16.42 -1.86
CA GLU A 328 -16.80 16.02 -1.71
C GLU A 328 -16.06 17.11 -0.97
N ARG A 329 -15.19 16.69 -0.06
CA ARG A 329 -14.40 17.59 0.74
C ARG A 329 -13.38 18.25 -0.19
N VAL A 330 -13.25 19.56 -0.15
CA VAL A 330 -12.14 20.22 -0.88
C VAL A 330 -10.80 19.71 -0.27
N ALA A 331 -9.84 19.35 -1.12
CA ALA A 331 -8.60 18.71 -0.65
C ALA A 331 -7.64 19.64 0.11
N ARG A 332 -7.23 20.70 -0.55
CA ARG A 332 -6.30 21.62 0.06
C ARG A 332 -6.92 23.03 0.06
N PRO A 333 -7.92 23.26 0.96
CA PRO A 333 -8.73 24.49 0.86
C PRO A 333 -7.94 25.67 1.29
N ALA A 334 -7.95 26.71 0.46
CA ALA A 334 -7.31 27.97 0.78
C ALA A 334 -7.88 28.62 2.05
N SER A 335 -7.05 29.45 2.66
CA SER A 335 -7.49 30.27 3.76
C SER A 335 -8.83 30.96 3.48
N LEU A 336 -9.77 30.88 4.41
CA LEU A 336 -11.06 31.58 4.27
C LEU A 336 -11.90 31.16 3.04
N ARG A 337 -11.66 29.94 2.53
CA ARG A 337 -12.45 29.38 1.42
C ARG A 337 -13.22 28.14 1.90
N PRO A 338 -14.31 27.78 1.23
CA PRO A 338 -15.13 26.66 1.73
C PRO A 338 -14.41 25.31 1.79
N ARG A 339 -14.81 24.47 2.73
CA ARG A 339 -14.15 23.18 2.96
C ARG A 339 -14.84 22.09 2.11
N TRP A 340 -15.97 22.46 1.49
CA TRP A 340 -16.74 21.53 0.65
C TRP A 340 -16.99 21.96 -0.77
N HIS A 341 -17.01 21.00 -1.68
CA HIS A 341 -17.48 21.20 -3.05
C HIS A 341 -19.00 21.29 -3.14
N LYS A 342 -19.50 21.76 -4.29
CA LYS A 342 -20.95 21.88 -4.56
C LYS A 342 -21.59 20.52 -4.52
N PRO A 343 -22.90 20.47 -4.35
CA PRO A 343 -23.47 19.12 -4.27
C PRO A 343 -23.26 18.29 -5.55
N SER A 344 -23.22 16.97 -5.40
CA SER A 344 -23.12 16.04 -6.54
C SER A 344 -23.94 14.79 -6.26
N THR A 345 -24.07 13.91 -7.26
CA THR A 345 -25.01 12.79 -7.11
C THR A 345 -24.24 11.50 -7.09
N VAL A 346 -24.69 10.59 -6.23
CA VAL A 346 -24.16 9.24 -6.15
C VAL A 346 -24.65 8.46 -7.37
N LEU A 347 -23.76 8.20 -8.33
CA LEU A 347 -24.03 7.26 -9.43
C LEU A 347 -24.07 5.82 -8.98
N LYS A 348 -22.97 5.32 -8.42
CA LYS A 348 -22.94 3.92 -8.02
C LYS A 348 -22.40 3.78 -6.61
N VAL A 349 -22.91 2.80 -5.89
CA VAL A 349 -22.40 2.45 -4.56
C VAL A 349 -21.55 1.18 -4.67
N LEU A 350 -20.26 1.35 -4.96
CA LEU A 350 -19.28 0.26 -4.99
C LEU A 350 -19.20 -0.65 -3.78
N ASN A 351 -19.29 -0.09 -2.57
CA ASN A 351 -19.48 -0.86 -1.32
C ASN A 351 -19.96 0.17 -0.30
N PRO A 352 -20.24 -0.25 0.94
CA PRO A 352 -20.88 0.78 1.79
C PRO A 352 -19.96 1.95 2.19
N ARG A 353 -18.67 1.88 1.84
CA ARG A 353 -17.69 2.90 2.23
C ARG A 353 -17.05 3.55 1.01
N THR A 354 -17.54 3.20 -0.18
CA THR A 354 -16.95 3.69 -1.43
C THR A 354 -18.02 3.97 -2.47
N VAL A 355 -17.95 5.14 -3.11
CA VAL A 355 -18.92 5.50 -4.14
C VAL A 355 -18.32 6.09 -5.40
N VAL A 356 -19.12 6.02 -6.48
CA VAL A 356 -18.86 6.82 -7.67
C VAL A 356 -19.87 7.96 -7.70
N ILE A 357 -19.36 9.16 -7.98
CA ILE A 357 -20.17 10.34 -8.01
C ILE A 357 -19.94 11.07 -9.34
N LEU A 358 -20.98 11.82 -9.72
CA LEU A 358 -20.90 12.75 -10.83
C LEU A 358 -20.43 14.14 -10.35
N ASP A 359 -19.12 14.36 -10.51
CA ASP A 359 -18.38 15.39 -9.77
C ASP A 359 -18.60 16.86 -10.12
N HIS A 360 -17.80 17.71 -9.46
CA HIS A 360 -17.92 19.18 -9.45
C HIS A 360 -17.67 19.86 -10.77
N LEU A 361 -16.90 19.22 -11.66
CA LEU A 361 -16.79 19.60 -13.07
C LEU A 361 -17.96 18.91 -13.85
N GLY A 362 -17.76 17.65 -14.20
CA GLY A 362 -18.79 16.83 -14.83
C GLY A 362 -18.24 15.42 -15.02
N ASN A 363 -17.17 15.10 -14.30
CA ASN A 363 -16.53 13.79 -14.35
C ASN A 363 -17.09 12.79 -13.36
N ASN A 364 -16.73 11.52 -13.60
CA ASN A 364 -16.96 10.44 -12.69
C ASN A 364 -15.78 10.42 -11.73
N ARG A 365 -16.04 10.29 -10.43
CA ARG A 365 -14.96 10.16 -9.45
C ARG A 365 -15.29 9.08 -8.50
N THR A 366 -14.29 8.25 -8.19
CA THR A 366 -14.46 7.24 -7.15
C THR A 366 -13.86 7.81 -5.86
N VAL A 367 -14.69 7.98 -4.85
CA VAL A 367 -14.23 8.61 -3.62
C VAL A 367 -14.67 7.82 -2.41
N SER A 368 -13.92 8.00 -1.33
CA SER A 368 -14.25 7.41 -0.01
C SER A 368 -15.36 8.18 0.66
N ILE A 369 -16.25 7.45 1.30
CA ILE A 369 -17.36 8.05 2.08
C ILE A 369 -16.84 9.06 3.14
N ASP A 370 -15.60 8.85 3.62
CA ASP A 370 -14.90 9.75 4.56
C ASP A 370 -14.57 11.10 3.97
N ASN A 371 -14.53 11.21 2.64
CA ASN A 371 -14.37 12.51 2.03
C ASN A 371 -15.67 13.06 1.48
N LEU A 372 -16.80 12.60 2.02
CA LEU A 372 -18.09 13.13 1.61
C LEU A 372 -18.93 13.46 2.81
N LYS A 373 -19.76 14.50 2.69
CA LYS A 373 -20.94 14.63 3.59
C LYS A 373 -22.25 14.51 2.78
N PRO A 374 -23.33 14.09 3.43
CA PRO A 374 -24.58 14.16 2.69
C PRO A 374 -25.11 15.55 2.77
N THR A 375 -25.58 16.06 1.64
CA THR A 375 -26.13 17.41 1.57
C THR A 375 -27.37 17.59 2.44
N SER A 376 -27.37 18.66 3.22
CA SER A 376 -28.41 18.87 4.25
C SER A 376 -29.73 19.39 3.72
N HIS A 377 -30.80 19.03 4.41
CA HIS A 377 -32.16 19.49 4.02
C HIS A 377 -32.62 18.95 2.68
N GLN A 378 -32.03 17.85 2.20
CA GLN A 378 -32.36 17.23 0.89
C GLN A 378 -32.07 18.10 -0.34
N ASP B 119 19.68 -37.90 12.19
CA ASP B 119 19.93 -36.53 11.69
C ASP B 119 18.66 -35.86 11.13
N ARG B 120 18.45 -34.60 11.54
CA ARG B 120 17.30 -33.78 11.11
C ARG B 120 17.29 -33.51 9.59
N PRO B 121 16.09 -33.45 8.96
CA PRO B 121 15.96 -33.16 7.52
C PRO B 121 16.53 -31.80 7.07
N GLN B 122 16.93 -31.74 5.81
CA GLN B 122 17.51 -30.54 5.21
C GLN B 122 16.48 -29.39 5.05
N LYS B 123 16.89 -28.15 5.33
CA LYS B 123 15.96 -27.02 5.28
C LYS B 123 16.49 -25.86 4.47
N PRO B 124 15.61 -24.92 4.05
CA PRO B 124 16.10 -23.68 3.43
C PRO B 124 16.86 -22.90 4.48
N PHE B 125 17.86 -22.13 4.06
CA PHE B 125 18.73 -21.36 4.99
C PHE B 125 19.76 -22.18 5.71
N ASP B 126 19.73 -23.51 5.52
CA ASP B 126 20.75 -24.41 6.12
C ASP B 126 22.16 -24.12 5.62
N LYS B 127 22.29 -23.79 4.33
CA LYS B 127 23.58 -23.67 3.71
C LYS B 127 23.42 -22.87 2.42
N PHE B 128 24.16 -21.77 2.27
CA PHE B 128 24.17 -21.05 0.99
C PHE B 128 25.48 -21.36 0.29
N PHE B 129 25.45 -21.58 -1.01
CA PHE B 129 26.66 -21.82 -1.77
C PHE B 129 26.87 -20.58 -2.59
N ILE B 130 28.05 -19.99 -2.44
CA ILE B 130 28.36 -18.74 -3.13
C ILE B 130 29.54 -18.88 -4.09
N ASP B 131 29.55 -18.09 -5.14
CA ASP B 131 30.67 -18.14 -6.06
C ASP B 131 30.64 -16.99 -7.02
N TYR B 132 31.82 -16.63 -7.55
CA TYR B 132 31.90 -15.58 -8.57
C TYR B 132 31.88 -16.14 -9.98
N ILE B 133 31.32 -15.35 -10.89
CA ILE B 133 31.34 -15.62 -12.32
C ILE B 133 31.82 -14.35 -12.98
N GLY B 134 32.87 -14.46 -13.80
CA GLY B 134 33.46 -13.31 -14.54
C GLY B 134 34.97 -13.37 -14.65
N PRO B 135 35.58 -12.36 -15.27
CA PRO B 135 35.00 -11.10 -15.73
C PRO B 135 34.07 -11.30 -16.89
N LEU B 136 33.08 -10.42 -16.98
CA LEU B 136 32.20 -10.36 -18.12
C LEU B 136 32.42 -9.02 -18.82
N PRO B 137 31.90 -8.89 -20.05
CA PRO B 137 31.93 -7.57 -20.66
C PRO B 137 31.25 -6.58 -19.74
N PRO B 138 31.78 -5.35 -19.65
CA PRO B 138 31.19 -4.36 -18.76
C PRO B 138 29.72 -4.16 -19.07
N SER B 139 28.89 -4.00 -18.04
CA SER B 139 27.49 -3.64 -18.21
C SER B 139 27.10 -2.69 -17.10
N GLN B 140 26.62 -1.49 -17.47
CA GLN B 140 26.40 -0.39 -16.50
C GLN B 140 27.51 -0.27 -15.45
N GLY B 141 28.77 -0.55 -15.83
CA GLY B 141 29.90 -0.45 -14.93
C GLY B 141 30.29 -1.73 -14.21
N TYR B 142 29.50 -2.78 -14.35
CA TYR B 142 29.73 -4.02 -13.60
C TYR B 142 30.42 -5.09 -14.42
N LEU B 143 31.17 -5.97 -13.75
CA LEU B 143 31.99 -7.02 -14.40
C LEU B 143 31.80 -8.46 -13.91
N TYR B 144 31.12 -8.65 -12.79
CA TYR B 144 30.99 -9.98 -12.18
C TYR B 144 29.60 -10.25 -11.61
N VAL B 145 29.33 -11.51 -11.32
CA VAL B 145 28.08 -11.89 -10.71
C VAL B 145 28.44 -12.75 -9.54
N LEU B 146 28.03 -12.30 -8.36
CA LEU B 146 28.11 -13.14 -7.19
C LEU B 146 26.88 -14.04 -7.23
N VAL B 147 27.07 -15.33 -7.05
CA VAL B 147 26.02 -16.32 -7.21
C VAL B 147 25.78 -16.98 -5.86
N VAL B 148 24.53 -16.89 -5.39
CA VAL B 148 24.16 -17.52 -4.11
C VAL B 148 23.05 -18.47 -4.45
N VAL B 149 23.18 -19.69 -3.94
CA VAL B 149 22.23 -20.73 -4.20
C VAL B 149 21.96 -21.44 -2.90
N ASP B 150 20.68 -21.47 -2.53
CA ASP B 150 20.25 -22.21 -1.35
C ASP B 150 20.32 -23.73 -1.58
N GLY B 151 20.94 -24.43 -0.63
CA GLY B 151 21.27 -25.84 -0.80
C GLY B 151 20.05 -26.73 -0.86
N MET B 152 19.12 -26.52 0.06
CA MET B 152 17.90 -27.31 0.12
C MET B 152 16.98 -27.03 -1.07
N THR B 153 16.69 -25.77 -1.35
CA THR B 153 15.65 -25.40 -2.30
C THR B 153 16.20 -25.19 -3.72
N GLY B 154 17.48 -24.87 -3.83
CA GLY B 154 18.05 -24.47 -5.13
C GLY B 154 17.68 -23.06 -5.57
N PHE B 155 17.15 -22.24 -4.64
CA PHE B 155 16.83 -20.85 -4.95
C PHE B 155 18.12 -20.10 -5.25
N THR B 156 18.07 -19.25 -6.26
CA THR B 156 19.25 -18.51 -6.66
C THR B 156 19.04 -17.03 -6.44
N TRP B 157 20.04 -16.39 -5.80
CA TRP B 157 20.17 -14.95 -5.84
C TRP B 157 21.42 -14.59 -6.60
N LEU B 158 21.32 -13.57 -7.46
CA LEU B 158 22.45 -13.02 -8.19
C LEU B 158 22.75 -11.52 -7.87
N TYR B 159 24.01 -11.19 -7.56
CA TYR B 159 24.39 -9.78 -7.35
C TYR B 159 25.52 -9.40 -8.26
N PRO B 160 25.35 -8.30 -8.99
CA PRO B 160 26.41 -7.79 -9.87
C PRO B 160 27.46 -7.00 -9.06
N THR B 161 28.75 -7.27 -9.27
CA THR B 161 29.81 -6.52 -8.60
C THR B 161 30.87 -5.95 -9.57
N LYS B 162 31.76 -5.07 -9.08
CA LYS B 162 32.79 -4.48 -9.92
C LYS B 162 34.09 -5.30 -9.86
N ALA B 163 34.16 -6.21 -8.88
CA ALA B 163 35.37 -6.98 -8.61
C ALA B 163 35.07 -8.18 -7.70
N PRO B 164 35.92 -9.22 -7.76
CA PRO B 164 35.80 -10.35 -6.87
C PRO B 164 36.47 -10.13 -5.53
N SER B 165 36.16 -9.01 -4.88
CA SER B 165 36.82 -8.62 -3.63
C SER B 165 35.98 -8.96 -2.43
N THR B 166 36.63 -9.10 -1.27
CA THR B 166 35.90 -9.18 -0.02
C THR B 166 34.88 -8.04 0.13
N SER B 167 35.29 -6.87 -0.29
CA SER B 167 34.48 -5.70 -0.05
C SER B 167 33.19 -5.78 -0.88
N ALA B 168 33.31 -6.19 -2.13
CA ALA B 168 32.12 -6.33 -2.99
C ALA B 168 31.22 -7.49 -2.53
N THR B 169 31.85 -8.50 -1.95
CA THR B 169 31.13 -9.67 -1.49
C THR B 169 30.31 -9.25 -0.29
N VAL B 170 30.98 -8.57 0.66
CA VAL B 170 30.31 -8.09 1.87
C VAL B 170 29.15 -7.14 1.56
N LYS B 171 29.38 -6.22 0.64
CA LYS B 171 28.37 -5.26 0.26
C LYS B 171 27.13 -6.04 -0.22
N SER B 172 27.36 -6.98 -1.13
CA SER B 172 26.28 -7.81 -1.69
C SER B 172 25.62 -8.73 -0.68
N LEU B 173 26.40 -9.51 0.05
CA LEU B 173 25.80 -10.37 1.07
C LEU B 173 25.05 -9.62 2.18
N ASN B 174 25.31 -8.32 2.31
CA ASN B 174 24.63 -7.49 3.29
C ASN B 174 23.21 -7.21 2.91
N VAL B 175 22.98 -7.15 1.59
CA VAL B 175 21.63 -7.02 1.03
C VAL B 175 20.85 -8.31 1.27
N LEU B 176 21.46 -9.43 0.91
CA LEU B 176 20.78 -10.70 1.03
C LEU B 176 20.52 -11.04 2.50
N THR B 177 21.49 -10.73 3.36
CA THR B 177 21.40 -11.17 4.74
C THR B 177 20.53 -10.23 5.55
N SER B 178 19.94 -9.24 4.88
CA SER B 178 18.94 -8.39 5.51
C SER B 178 17.54 -8.93 5.14
N ILE B 179 17.54 -10.01 4.36
CA ILE B 179 16.32 -10.77 4.08
C ILE B 179 16.33 -12.11 4.82
N ALA B 180 17.44 -12.82 4.79
CA ALA B 180 17.55 -14.13 5.44
C ALA B 180 19.01 -14.47 5.71
N ILE B 181 19.28 -15.14 6.81
CA ILE B 181 20.66 -15.43 7.17
C ILE B 181 20.90 -16.96 7.13
N PRO B 182 21.92 -17.41 6.36
CA PRO B 182 22.22 -18.85 6.33
C PRO B 182 22.96 -19.24 7.59
N LYS B 183 22.76 -20.46 8.08
CA LYS B 183 23.66 -21.01 9.12
C LYS B 183 25.10 -21.18 8.60
N VAL B 184 25.25 -21.58 7.34
CA VAL B 184 26.55 -21.92 6.78
C VAL B 184 26.67 -21.27 5.42
N ILE B 185 27.85 -20.74 5.13
CA ILE B 185 28.22 -20.35 3.77
C ILE B 185 29.30 -21.32 3.26
N HIS B 186 29.07 -21.91 2.08
CA HIS B 186 30.06 -22.78 1.42
C HIS B 186 30.66 -22.11 0.22
N SER B 187 31.99 -22.14 0.13
CA SER B 187 32.68 -21.56 -1.05
C SER B 187 33.94 -22.36 -1.36
N ASP B 188 34.52 -22.09 -2.53
CA ASP B 188 35.90 -22.48 -2.77
C ASP B 188 36.88 -21.54 -2.02
N GLN B 189 38.17 -21.67 -2.30
CA GLN B 189 39.17 -20.89 -1.53
C GLN B 189 39.55 -19.66 -2.30
N GLY B 190 38.57 -19.07 -2.99
CA GLY B 190 38.74 -17.76 -3.58
C GLY B 190 39.26 -16.74 -2.56
N ALA B 191 40.05 -15.78 -3.05
CA ALA B 191 40.68 -14.78 -2.21
C ALA B 191 39.65 -14.06 -1.33
N ALA B 192 38.65 -13.48 -1.99
CA ALA B 192 37.59 -12.77 -1.33
C ALA B 192 36.98 -13.54 -0.17
N PHE B 193 36.90 -14.86 -0.27
CA PHE B 193 36.20 -15.66 0.76
C PHE B 193 37.13 -16.11 1.87
N THR B 194 38.42 -16.13 1.62
CA THR B 194 39.33 -16.62 2.68
C THR B 194 40.00 -15.48 3.46
N SER B 195 39.77 -14.25 3.01
CA SER B 195 40.26 -13.05 3.71
C SER B 195 39.76 -13.01 5.16
N SER B 196 40.54 -12.42 6.05
CA SER B 196 40.09 -12.40 7.45
C SER B 196 39.00 -11.32 7.71
N THR B 197 38.91 -10.30 6.87
CA THR B 197 37.73 -9.44 6.89
C THR B 197 36.48 -10.27 6.67
N PHE B 198 36.46 -11.09 5.61
CA PHE B 198 35.28 -11.90 5.36
C PHE B 198 34.99 -12.85 6.53
N ALA B 199 36.03 -13.36 7.15
CA ALA B 199 35.77 -14.20 8.31
C ALA B 199 35.20 -13.39 9.48
N GLU B 200 35.72 -12.16 9.69
CA GLU B 200 35.21 -11.30 10.77
C GLU B 200 33.71 -11.02 10.56
N TRP B 201 33.35 -10.67 9.32
CA TRP B 201 31.96 -10.49 8.90
C TRP B 201 31.09 -11.66 9.24
N ALA B 202 31.51 -12.83 8.80
CA ALA B 202 30.70 -14.01 9.02
C ALA B 202 30.51 -14.31 10.51
N LYS B 203 31.59 -14.20 11.26
CA LYS B 203 31.53 -14.43 12.68
C LYS B 203 30.55 -13.48 13.35
N GLU B 204 30.56 -12.20 12.92
CA GLU B 204 29.70 -11.16 13.49
C GLU B 204 28.24 -11.58 13.36
N ARG B 205 27.92 -12.31 12.30
CA ARG B 205 26.52 -12.68 12.07
C ARG B 205 26.23 -14.11 12.43
N GLY B 206 27.18 -14.77 13.11
CA GLY B 206 26.99 -16.16 13.53
C GLY B 206 26.89 -17.15 12.37
N ILE B 207 27.37 -16.77 11.20
CA ILE B 207 27.46 -17.65 10.03
C ILE B 207 28.77 -18.45 10.00
N HIS B 208 28.70 -19.77 10.00
CA HIS B 208 29.89 -20.61 9.92
C HIS B 208 30.37 -20.68 8.51
N LEU B 209 31.68 -20.52 8.29
CA LEU B 209 32.25 -20.62 6.93
C LEU B 209 32.76 -22.02 6.62
N GLU B 210 32.69 -22.41 5.34
CA GLU B 210 33.01 -23.77 4.90
C GLU B 210 33.62 -23.79 3.50
N PHE B 211 34.83 -24.33 3.45
CA PHE B 211 35.66 -24.33 2.25
C PHE B 211 35.85 -25.73 1.70
N SER B 212 35.76 -25.82 0.38
CA SER B 212 36.15 -27.02 -0.32
C SER B 212 37.67 -26.96 -0.46
N THR B 213 38.34 -28.11 -0.39
CA THR B 213 39.81 -28.18 -0.52
C THR B 213 40.29 -27.68 -1.90
N PRO B 214 41.49 -27.03 -1.96
CA PRO B 214 41.86 -26.37 -3.23
C PRO B 214 41.90 -27.32 -4.41
N TYR B 215 41.51 -26.80 -5.57
CA TYR B 215 41.51 -27.56 -6.82
C TYR B 215 40.39 -28.63 -6.88
N HIS B 216 39.76 -28.95 -5.75
CA HIS B 216 38.69 -29.96 -5.68
C HIS B 216 37.33 -29.39 -5.25
N PRO B 217 36.62 -28.66 -6.16
CA PRO B 217 35.31 -28.09 -5.80
C PRO B 217 34.23 -29.16 -5.58
N GLN B 218 33.53 -29.07 -4.46
CA GLN B 218 32.44 -30.00 -4.15
C GLN B 218 31.25 -29.26 -3.55
N SER B 219 30.06 -29.55 -4.08
CA SER B 219 28.84 -28.91 -3.64
C SER B 219 27.83 -29.97 -3.24
N SER B 220 26.83 -30.12 -4.10
CA SER B 220 25.82 -31.16 -4.06
C SER B 220 25.40 -31.23 -5.51
N GLY B 221 24.91 -32.39 -5.95
CA GLY B 221 24.46 -32.58 -7.33
C GLY B 221 23.48 -31.52 -7.79
N LYS B 222 22.49 -31.27 -6.94
CA LYS B 222 21.46 -30.24 -7.15
C LYS B 222 22.11 -28.89 -7.44
N VAL B 223 22.93 -28.46 -6.49
CA VAL B 223 23.71 -27.22 -6.66
C VAL B 223 24.61 -27.20 -7.92
N GLU B 224 25.45 -28.24 -8.08
CA GLU B 224 26.24 -28.43 -9.31
C GLU B 224 25.42 -28.17 -10.58
N ARG B 225 24.30 -28.90 -10.67
CA ARG B 225 23.35 -28.74 -11.78
C ARG B 225 22.78 -27.33 -11.90
N LYS B 226 22.36 -26.76 -10.77
CA LYS B 226 21.89 -25.37 -10.75
C LYS B 226 22.95 -24.44 -11.30
N ASN B 227 24.16 -24.53 -10.74
CA ASN B 227 25.30 -23.69 -11.19
C ASN B 227 25.62 -23.80 -12.66
N SER B 228 25.52 -25.04 -13.16
CA SER B 228 25.60 -25.30 -14.57
C SER B 228 24.57 -24.48 -15.38
N ASP B 229 23.28 -24.60 -15.03
CA ASP B 229 22.21 -23.86 -15.74
C ASP B 229 22.49 -22.37 -15.77
N ILE B 230 23.03 -21.86 -14.65
CA ILE B 230 23.29 -20.44 -14.51
C ILE B 230 24.26 -19.97 -15.60
N LYS B 231 25.39 -20.67 -15.72
CA LYS B 231 26.42 -20.36 -16.74
C LYS B 231 25.85 -20.45 -18.17
N ARG B 232 25.09 -21.51 -18.43
CA ARG B 232 24.52 -21.71 -19.74
C ARG B 232 23.55 -20.60 -20.08
N LEU B 233 22.62 -20.31 -19.17
CA LEU B 233 21.60 -19.28 -19.43
C LEU B 233 22.21 -17.89 -19.60
N LEU B 234 23.24 -17.58 -18.81
CA LEU B 234 23.99 -16.33 -19.00
C LEU B 234 24.54 -16.25 -20.42
N THR B 235 25.47 -17.16 -20.73
CA THR B 235 26.08 -17.29 -22.07
C THR B 235 25.09 -17.02 -23.18
N LYS B 236 23.90 -17.62 -23.04
CA LYS B 236 22.86 -17.55 -24.05
C LYS B 236 22.36 -16.11 -24.25
N LEU B 237 22.32 -15.32 -23.17
CA LEU B 237 21.75 -13.98 -23.31
C LEU B 237 22.77 -12.84 -23.56
N LEU B 238 23.99 -13.04 -23.07
CA LEU B 238 25.10 -12.15 -23.42
C LEU B 238 25.50 -12.18 -24.91
N VAL B 239 25.18 -13.24 -25.66
CA VAL B 239 25.40 -13.19 -27.11
C VAL B 239 24.28 -12.36 -27.77
N GLY B 240 24.68 -11.43 -28.63
CA GLY B 240 23.74 -10.48 -29.21
C GLY B 240 23.71 -9.19 -28.40
N ARG B 241 23.67 -9.31 -27.08
CA ARG B 241 23.67 -8.14 -26.17
C ARG B 241 24.63 -8.29 -24.96
N PRO B 242 25.95 -8.39 -25.23
CA PRO B 242 26.97 -8.77 -24.23
C PRO B 242 27.19 -7.68 -23.19
N THR B 243 26.39 -6.63 -23.31
CA THR B 243 26.64 -5.38 -22.65
C THR B 243 25.37 -4.98 -21.88
N LYS B 244 24.30 -5.72 -22.13
CA LYS B 244 22.99 -5.38 -21.60
C LYS B 244 22.52 -6.38 -20.52
N TRP B 245 23.45 -7.13 -19.92
CA TRP B 245 23.07 -8.17 -18.94
C TRP B 245 22.66 -7.68 -17.59
N TYR B 246 23.27 -6.60 -17.14
CA TYR B 246 22.87 -6.00 -15.86
C TYR B 246 21.34 -5.86 -15.80
N ASP B 247 20.72 -5.32 -16.84
CA ASP B 247 19.27 -5.11 -16.85
C ASP B 247 18.52 -6.43 -16.88
N LEU B 248 19.20 -7.50 -17.30
CA LEU B 248 18.55 -8.80 -17.42
C LEU B 248 18.62 -9.72 -16.21
N LEU B 249 19.50 -9.43 -15.26
CA LEU B 249 19.61 -10.29 -14.08
C LEU B 249 18.26 -10.58 -13.39
N PRO B 250 17.37 -9.58 -13.22
CA PRO B 250 16.03 -9.95 -12.68
C PRO B 250 15.37 -11.13 -13.44
N VAL B 251 15.21 -10.97 -14.75
CA VAL B 251 14.45 -11.94 -15.52
C VAL B 251 15.11 -13.34 -15.46
N VAL B 252 16.44 -13.35 -15.39
CA VAL B 252 17.21 -14.58 -15.28
C VAL B 252 16.92 -15.33 -14.00
N GLN B 253 16.94 -14.64 -12.87
CA GLN B 253 16.62 -15.26 -11.58
C GLN B 253 15.22 -15.85 -11.56
N LEU B 254 14.24 -15.13 -12.10
CA LEU B 254 12.86 -15.66 -12.08
C LEU B 254 12.80 -16.94 -12.86
N ALA B 255 13.50 -16.97 -13.99
CA ALA B 255 13.64 -18.16 -14.83
C ALA B 255 14.22 -19.29 -14.02
N LEU B 256 15.40 -19.10 -13.46
CA LEU B 256 16.03 -20.13 -12.70
C LEU B 256 15.19 -20.63 -11.56
N ASN B 257 14.44 -19.74 -10.91
CA ASN B 257 13.74 -20.11 -9.66
C ASN B 257 12.33 -20.67 -9.92
N ASN B 258 11.86 -20.48 -11.15
CA ASN B 258 10.61 -21.10 -11.56
C ASN B 258 10.85 -22.24 -12.54
N THR B 259 12.09 -22.72 -12.58
CA THR B 259 12.44 -23.89 -13.37
C THR B 259 12.11 -25.16 -12.60
N TYR B 260 11.47 -26.09 -13.27
CA TYR B 260 11.11 -27.34 -12.63
C TYR B 260 12.36 -28.23 -12.35
N SER B 261 12.46 -28.74 -11.12
CA SER B 261 13.49 -29.76 -10.75
C SER B 261 13.00 -31.22 -10.92
N PRO B 262 13.62 -31.99 -11.88
CA PRO B 262 13.40 -33.43 -12.03
C PRO B 262 13.42 -34.25 -10.73
N VAL B 263 14.44 -34.11 -9.88
CA VAL B 263 14.53 -34.94 -8.65
C VAL B 263 13.39 -34.64 -7.66
N LEU B 264 13.09 -33.37 -7.43
CA LEU B 264 11.90 -33.04 -6.64
C LEU B 264 10.70 -32.76 -7.53
N LYS B 265 9.51 -32.89 -6.96
CA LYS B 265 8.31 -32.57 -7.70
C LYS B 265 8.13 -31.04 -7.93
N TYR B 266 9.12 -30.23 -7.56
CA TYR B 266 8.85 -28.79 -7.30
C TYR B 266 9.94 -27.83 -7.75
N THR B 267 9.56 -26.59 -8.12
CA THR B 267 10.51 -25.50 -8.35
C THR B 267 11.07 -24.86 -7.06
N PRO B 268 12.17 -24.09 -7.16
CA PRO B 268 12.68 -23.49 -5.92
C PRO B 268 11.73 -22.46 -5.31
N HIS B 269 11.13 -21.62 -6.16
CA HIS B 269 10.04 -20.77 -5.68
C HIS B 269 9.08 -21.57 -4.84
N GLN B 270 8.59 -22.69 -5.35
CA GLN B 270 7.64 -23.47 -4.58
C GLN B 270 8.16 -23.95 -3.24
N LEU B 271 9.41 -24.40 -3.19
CA LEU B 271 9.97 -24.93 -1.94
C LEU B 271 10.33 -23.86 -0.91
N LEU B 272 10.58 -22.64 -1.40
CA LEU B 272 10.96 -21.54 -0.56
C LEU B 272 9.71 -20.95 0.08
N PHE B 273 8.71 -20.66 -0.74
CA PHE B 273 7.49 -19.99 -0.30
C PHE B 273 6.26 -20.87 -0.07
N GLY B 274 6.34 -22.15 -0.44
CA GLY B 274 5.20 -23.08 -0.33
C GLY B 274 3.93 -22.68 -1.09
N ILE B 275 4.11 -22.11 -2.28
CA ILE B 275 2.97 -21.67 -3.11
C ILE B 275 3.42 -21.63 -4.57
N ASP B 276 2.46 -21.71 -5.48
CA ASP B 276 2.74 -21.50 -6.89
C ASP B 276 3.15 -20.05 -7.12
N SER B 277 3.66 -19.76 -8.30
CA SER B 277 4.24 -18.48 -8.59
C SER B 277 3.37 -17.82 -9.63
N ASN B 278 3.21 -16.51 -9.55
CA ASN B 278 2.57 -15.76 -10.63
C ASN B 278 3.38 -15.69 -11.94
N THR B 279 4.63 -16.14 -11.92
CA THR B 279 5.33 -16.28 -13.19
C THR B 279 5.84 -17.72 -13.33
N PRO B 280 5.00 -18.62 -13.88
CA PRO B 280 5.50 -19.98 -14.13
C PRO B 280 6.23 -19.96 -15.46
N PHE B 281 7.29 -20.74 -15.61
CA PHE B 281 7.99 -20.72 -16.90
C PHE B 281 7.71 -22.01 -17.64
N ALA B 282 6.48 -22.06 -18.17
CA ALA B 282 5.84 -23.25 -18.74
C ALA B 282 6.53 -23.80 -19.98
N ASN B 283 7.17 -22.93 -20.76
CA ASN B 283 8.04 -23.35 -21.89
C ASN B 283 9.48 -23.62 -21.44
N GLN B 284 9.67 -24.69 -20.65
CA GLN B 284 11.01 -25.17 -20.31
C GLN B 284 11.88 -24.96 -21.55
N ASP B 285 12.87 -24.08 -21.42
CA ASP B 285 13.55 -23.46 -22.57
C ASP B 285 14.55 -24.35 -23.32
N THR B 286 15.07 -23.86 -24.46
CA THR B 286 16.18 -24.52 -25.17
C THR B 286 17.43 -24.52 -24.30
N LEU B 287 17.84 -23.33 -23.84
CA LEU B 287 19.07 -23.16 -23.05
C LEU B 287 20.27 -23.56 -23.93
N ASP B 288 20.01 -23.62 -25.24
CA ASP B 288 20.93 -24.14 -26.26
C ASP B 288 21.23 -23.12 -27.35
N LEU B 289 22.50 -23.03 -27.74
CA LEU B 289 22.99 -22.11 -28.78
C LEU B 289 22.55 -22.50 -30.22
N THR B 290 21.72 -21.66 -30.86
CA THR B 290 21.25 -21.87 -32.26
C THR B 290 22.38 -21.63 -33.28
N ARG B 291 22.10 -21.88 -34.57
CA ARG B 291 23.09 -21.71 -35.66
C ARG B 291 23.60 -20.26 -35.80
N GLU B 292 22.71 -19.28 -35.66
CA GLU B 292 23.06 -17.85 -35.74
C GLU B 292 23.82 -17.31 -34.53
N GLU B 293 23.74 -18.02 -33.41
CA GLU B 293 24.41 -17.64 -32.17
C GLU B 293 25.84 -18.21 -32.05
N GLU B 294 26.00 -19.52 -32.34
CA GLU B 294 27.33 -20.12 -32.48
C GLU B 294 28.16 -19.33 -33.49
N LEU B 295 27.46 -18.74 -34.47
CA LEU B 295 28.07 -17.96 -35.56
C LEU B 295 28.59 -16.58 -35.13
N SER B 296 27.81 -15.85 -34.33
CA SER B 296 28.27 -14.54 -33.80
C SER B 296 28.78 -14.57 -32.35
N LEU B 297 28.98 -15.78 -31.82
CA LEU B 297 29.72 -15.98 -30.56
C LEU B 297 31.16 -16.45 -30.85
N LEU B 298 31.33 -17.25 -31.91
CA LEU B 298 32.66 -17.61 -32.42
C LEU B 298 33.28 -16.46 -33.25
N GLN B 299 32.49 -15.38 -33.45
CA GLN B 299 32.94 -14.13 -34.09
C GLN B 299 33.33 -13.05 -33.05
N GLU B 300 32.48 -12.85 -32.04
CA GLU B 300 32.73 -11.90 -30.93
C GLU B 300 33.91 -12.31 -30.02
N ILE B 301 34.06 -13.62 -29.78
CA ILE B 301 35.19 -14.17 -28.99
C ILE B 301 36.31 -14.71 -29.90
N ARG B 302 36.71 -13.93 -30.91
CA ARG B 302 37.79 -14.31 -31.84
C ARG B 302 38.84 -13.22 -31.99
#